data_7ES2
#
_entry.id   7ES2
#
_cell.length_a   54.444
_cell.length_b   83.496
_cell.length_c   110.645
_cell.angle_alpha   90.000
_cell.angle_beta   90.000
_cell.angle_gamma   90.000
#
_symmetry.space_group_name_H-M   'P 21 21 21'
#
loop_
_entity.id
_entity.type
_entity.pdbx_description
1 polymer Glycosyltransferase
2 non-polymer "URIDINE-5'-DIPHOSPHATE"
3 non-polymer 'rebaudioside D'
4 water water
#
_entity_poly.entity_id   1
_entity_poly.type   'polypeptide(L)'
_entity_poly.pdbx_seq_one_letter_code
;MDSGYSSSYAAAAGMHVVICPWLAFGALLPCLDLAQRLASRGHRVSFVSTPRNISRLPPVRPALAPLVAFVALPLPRVEG
LPDGAESTNDVPHDRPDMVELHRRAFDGLAAPFSEFLGTACADWVIVDVFHHWAAAAALEHKVPCAMMLLGSAHMIASIA
DRRLERAETESPAAAGQGRPAAAPTFEVARMKLIRTKGSSGMSLAERFSLTLSRSSLVVGRSCVEFEPETVPLLSTLRGK
PITFLGLMPPLHEGRREDGEDATVRWLDAQPAKSVVYVALGSEVPLGVEKVHELALGLELAGTRFLWALRKPTGVSDADL
LPAGFEERTRGRGVVATRWVPQMSILAHAAVGAFLTHCGWNSTIEGLMFGHPLIMLPIFGDQGPNARLIEAKNAGLQVAR
NDGDGSFDREGVAAAIRAVAVEEESSKVFQAKAKKLQEIVADMACHERYIDGFIQQLRSYKDLEHHHHHH
;
_entity_poly.pdbx_strand_id   A
#
loop_
_chem_comp.id
_chem_comp.type
_chem_comp.name
_chem_comp.formula
JDO non-polymer 'rebaudioside D' 'C50 H80 O28'
UDP RNA linking URIDINE-5'-DIPHOSPHATE 'C9 H14 N2 O12 P2'
#
# COMPACT_ATOMS: atom_id res chain seq x y z
N MET A 15 -1.28 -14.06 23.16
CA MET A 15 -0.13 -13.13 23.26
C MET A 15 -0.62 -11.69 23.24
N HIS A 16 0.07 -10.79 23.96
CA HIS A 16 -0.05 -9.32 23.79
C HIS A 16 1.00 -8.86 22.77
N VAL A 17 0.56 -8.68 21.51
CA VAL A 17 1.41 -8.21 20.38
C VAL A 17 1.30 -6.69 20.31
N VAL A 18 2.43 -5.99 20.27
CA VAL A 18 2.49 -4.51 20.05
C VAL A 18 2.89 -4.29 18.59
N ILE A 19 2.01 -3.70 17.78
CA ILE A 19 2.27 -3.34 16.35
C ILE A 19 2.46 -1.82 16.29
N CYS A 20 3.59 -1.37 15.76
CA CYS A 20 3.88 0.07 15.48
C CYS A 20 4.17 0.24 13.99
N PRO A 21 3.15 0.58 13.16
CA PRO A 21 3.35 0.74 11.73
C PRO A 21 3.97 2.11 11.41
N TRP A 22 4.59 2.21 10.23
CA TRP A 22 5.13 3.48 9.65
C TRP A 22 3.96 4.43 9.39
N LEU A 23 4.19 5.73 9.55
CA LEU A 23 3.16 6.81 9.48
C LEU A 23 2.74 7.00 8.02
N ALA A 24 2.08 5.99 7.46
CA ALA A 24 1.67 5.88 6.04
C ALA A 24 0.47 4.95 5.96
N PHE A 25 -0.56 5.32 5.20
CA PHE A 25 -1.81 4.53 5.12
C PHE A 25 -1.52 3.19 4.42
N GLY A 26 -0.48 3.15 3.57
CA GLY A 26 0.02 1.90 2.98
C GLY A 26 0.48 0.91 4.01
N ALA A 27 0.89 1.40 5.19
CA ALA A 27 1.32 0.59 6.35
C ALA A 27 0.19 0.49 7.39
N LEU A 28 -0.44 1.60 7.76
CA LEU A 28 -1.49 1.65 8.82
C LEU A 28 -2.63 0.68 8.47
N LEU A 29 -3.08 0.66 7.21
CA LEU A 29 -4.30 -0.11 6.79
C LEU A 29 -4.06 -1.61 6.91
N PRO A 30 -3.06 -2.22 6.23
CA PRO A 30 -2.82 -3.66 6.36
C PRO A 30 -2.45 -4.09 7.79
N CYS A 31 -1.80 -3.20 8.56
CA CYS A 31 -1.40 -3.49 9.97
C CYS A 31 -2.64 -3.57 10.86
N LEU A 32 -3.66 -2.76 10.57
CA LEU A 32 -4.96 -2.79 11.30
C LEU A 32 -5.74 -4.06 10.93
N ASP A 33 -5.64 -4.51 9.67
CA ASP A 33 -6.23 -5.80 9.23
C ASP A 33 -5.52 -6.92 10.01
N LEU A 34 -4.19 -6.86 10.08
CA LEU A 34 -3.37 -7.86 10.81
C LEU A 34 -3.81 -7.85 12.28
N ALA A 35 -3.78 -6.68 12.92
CA ALA A 35 -4.23 -6.46 14.32
C ALA A 35 -5.55 -7.21 14.57
N GLN A 36 -6.49 -7.11 13.62
CA GLN A 36 -7.86 -7.67 13.79
C GLN A 36 -7.87 -9.18 13.53
N ARG A 37 -7.00 -9.66 12.63
CA ARG A 37 -6.88 -11.11 12.36
C ARG A 37 -6.27 -11.78 13.60
N LEU A 38 -5.37 -11.09 14.30
CA LEU A 38 -4.75 -11.60 15.56
C LEU A 38 -5.81 -11.64 16.66
N ALA A 39 -6.55 -10.54 16.81
CA ALA A 39 -7.63 -10.39 17.82
C ALA A 39 -8.68 -11.49 17.61
N SER A 40 -8.99 -11.84 16.37
CA SER A 40 -9.95 -12.93 15.98
C SER A 40 -9.48 -14.30 16.48
N ARG A 41 -8.17 -14.49 16.69
CA ARG A 41 -7.59 -15.72 17.32
C ARG A 41 -7.49 -15.52 18.83
N GLY A 42 -7.99 -14.39 19.35
CA GLY A 42 -8.07 -14.09 20.79
C GLY A 42 -6.75 -13.58 21.35
N HIS A 43 -5.89 -13.00 20.51
CA HIS A 43 -4.65 -12.31 20.94
C HIS A 43 -4.95 -10.83 21.15
N ARG A 44 -4.36 -10.23 22.18
CA ARG A 44 -4.45 -8.78 22.46
C ARG A 44 -3.44 -8.07 21.56
N VAL A 45 -3.86 -6.97 20.94
CA VAL A 45 -2.97 -6.08 20.14
C VAL A 45 -3.00 -4.68 20.75
N SER A 46 -1.81 -4.09 20.95
CA SER A 46 -1.64 -2.63 21.16
C SER A 46 -1.18 -2.03 19.83
N PHE A 47 -2.04 -1.27 19.17
CA PHE A 47 -1.78 -0.59 17.88
C PHE A 47 -1.28 0.83 18.18
N VAL A 48 0.02 1.04 18.01
CA VAL A 48 0.75 2.28 18.41
C VAL A 48 0.97 3.16 17.18
N SER A 49 0.41 4.37 17.20
CA SER A 49 0.61 5.42 16.17
C SER A 49 0.27 6.77 16.79
N THR A 50 0.05 7.78 15.94
CA THR A 50 -0.22 9.19 16.34
C THR A 50 -1.74 9.37 16.35
N PRO A 51 -2.28 10.39 17.07
CA PRO A 51 -3.73 10.51 17.26
C PRO A 51 -4.56 10.70 15.98
N ARG A 52 -4.13 11.58 15.07
CA ARG A 52 -4.90 11.92 13.85
C ARG A 52 -4.91 10.73 12.88
N ASN A 53 -3.77 10.06 12.69
CA ASN A 53 -3.68 8.85 11.83
C ASN A 53 -4.71 7.81 12.31
N ILE A 54 -4.80 7.60 13.63
CA ILE A 54 -5.71 6.60 14.26
C ILE A 54 -7.17 7.01 14.02
N SER A 55 -7.51 8.28 14.21
CA SER A 55 -8.87 8.82 13.98
C SER A 55 -9.30 8.56 12.53
N ARG A 56 -8.34 8.48 11.60
CA ARG A 56 -8.62 8.41 10.14
C ARG A 56 -8.69 6.95 9.67
N LEU A 57 -8.62 5.99 10.58
CA LEU A 57 -8.58 4.55 10.22
C LEU A 57 -9.99 3.97 10.28
N PRO A 58 -10.26 2.89 9.49
CA PRO A 58 -11.50 2.15 9.60
C PRO A 58 -11.82 1.83 11.06
N PRO A 59 -13.09 1.95 11.51
CA PRO A 59 -13.44 1.54 12.85
C PRO A 59 -13.20 0.02 12.93
N VAL A 60 -12.68 -0.41 14.08
CA VAL A 60 -12.49 -1.85 14.43
C VAL A 60 -13.87 -2.51 14.52
N ARG A 61 -13.95 -3.75 14.06
CA ARG A 61 -15.08 -4.71 14.23
C ARG A 61 -15.50 -4.69 15.71
N PRO A 62 -16.75 -4.27 16.05
CA PRO A 62 -17.14 -4.06 17.45
C PRO A 62 -16.76 -5.22 18.39
N ALA A 63 -16.96 -6.46 17.92
CA ALA A 63 -16.72 -7.73 18.67
C ALA A 63 -15.23 -7.93 18.99
N LEU A 64 -14.33 -7.14 18.39
CA LEU A 64 -12.85 -7.22 18.60
C LEU A 64 -12.35 -5.97 19.33
N ALA A 65 -13.23 -5.01 19.62
CA ALA A 65 -12.89 -3.65 20.08
C ALA A 65 -11.94 -3.68 21.28
N PRO A 66 -12.17 -4.51 22.33
CA PRO A 66 -11.29 -4.54 23.50
C PRO A 66 -9.93 -5.21 23.26
N LEU A 67 -9.82 -6.02 22.20
CA LEU A 67 -8.61 -6.82 21.87
C LEU A 67 -7.67 -6.04 20.94
N VAL A 68 -8.10 -4.89 20.40
CA VAL A 68 -7.25 -3.95 19.61
C VAL A 68 -7.20 -2.60 20.33
N ALA A 69 -6.31 -2.49 21.32
CA ALA A 69 -6.08 -1.25 22.11
C ALA A 69 -5.27 -0.27 21.26
N PHE A 70 -5.80 0.93 21.03
CA PHE A 70 -5.07 2.02 20.33
C PHE A 70 -4.28 2.83 21.35
N VAL A 71 -3.00 3.01 21.07
CA VAL A 71 -2.03 3.81 21.88
C VAL A 71 -1.62 5.04 21.06
N ALA A 72 -2.22 6.19 21.35
CA ALA A 72 -2.00 7.48 20.66
C ALA A 72 -0.81 8.21 21.30
N LEU A 73 0.35 8.12 20.65
CA LEU A 73 1.56 8.90 21.01
C LEU A 73 1.57 10.18 20.18
N PRO A 74 1.34 11.36 20.78
CA PRO A 74 1.35 12.60 20.01
C PRO A 74 2.74 12.81 19.40
N LEU A 75 2.78 13.25 18.13
CA LEU A 75 4.03 13.74 17.48
C LEU A 75 4.49 15.00 18.20
N PRO A 76 5.77 15.08 18.63
CA PRO A 76 6.32 16.33 19.14
C PRO A 76 6.12 17.42 18.08
N ARG A 77 5.75 18.62 18.50
CA ARG A 77 5.50 19.75 17.56
C ARG A 77 6.86 20.33 17.14
N VAL A 78 7.34 19.90 15.97
CA VAL A 78 8.57 20.40 15.29
C VAL A 78 8.18 21.60 14.42
N GLU A 79 8.66 22.80 14.76
CA GLU A 79 8.44 24.06 14.00
C GLU A 79 8.67 23.76 12.50
N GLY A 80 7.72 24.14 11.65
CA GLY A 80 7.78 23.91 10.19
C GLY A 80 6.84 22.80 9.75
N LEU A 81 6.70 21.74 10.55
CA LEU A 81 5.71 20.65 10.34
C LEU A 81 4.38 21.08 10.93
N PRO A 82 3.35 21.40 10.09
CA PRO A 82 2.08 21.93 10.59
C PRO A 82 1.26 20.88 11.35
N ASP A 83 0.34 21.34 12.22
CA ASP A 83 -0.45 20.47 13.14
C ASP A 83 -1.41 19.63 12.30
N GLY A 84 -1.35 18.30 12.46
CA GLY A 84 -2.16 17.32 11.70
C GLY A 84 -1.35 16.61 10.63
N ALA A 85 -0.19 17.15 10.24
CA ALA A 85 0.73 16.55 9.25
C ALA A 85 1.42 15.34 9.89
N GLU A 86 0.69 14.24 10.03
CA GLU A 86 1.11 13.06 10.83
C GLU A 86 1.49 11.90 9.92
N SER A 87 1.11 11.94 8.63
CA SER A 87 1.34 10.82 7.66
C SER A 87 2.06 11.31 6.39
N THR A 88 2.47 10.35 5.56
CA THR A 88 3.04 10.55 4.21
C THR A 88 1.96 11.11 3.28
N ASN A 89 0.68 10.88 3.62
CA ASN A 89 -0.51 11.38 2.88
C ASN A 89 -0.69 12.88 3.14
N ASP A 90 -0.09 13.40 4.22
CA ASP A 90 -0.23 14.81 4.68
C ASP A 90 1.07 15.59 4.42
N VAL A 91 2.21 14.90 4.50
CA VAL A 91 3.55 15.48 4.24
C VAL A 91 3.95 15.13 2.81
N PRO A 92 3.95 16.11 1.88
CA PRO A 92 4.21 15.82 0.46
C PRO A 92 5.69 15.55 0.15
N HIS A 93 5.95 14.56 -0.71
CA HIS A 93 7.31 14.16 -1.17
C HIS A 93 7.96 15.27 -1.98
N ASP A 94 7.18 16.10 -2.68
CA ASP A 94 7.71 17.22 -3.51
C ASP A 94 8.15 18.38 -2.60
N ARG A 95 8.14 18.18 -1.28
CA ARG A 95 8.74 19.10 -0.27
C ARG A 95 9.69 18.30 0.62
N PRO A 96 10.91 17.98 0.14
CA PRO A 96 11.90 17.26 0.94
C PRO A 96 12.11 17.82 2.36
N ASP A 97 12.17 19.15 2.49
CA ASP A 97 12.36 19.86 3.79
C ASP A 97 11.36 19.31 4.81
N MET A 98 10.07 19.29 4.48
CA MET A 98 8.97 18.86 5.40
C MET A 98 9.06 17.35 5.67
N VAL A 99 9.42 16.57 4.65
CA VAL A 99 9.60 15.09 4.78
C VAL A 99 10.55 14.81 5.95
N GLU A 100 11.69 15.52 6.00
CA GLU A 100 12.74 15.36 7.05
C GLU A 100 12.18 15.78 8.41
N LEU A 101 11.39 16.86 8.47
CA LEU A 101 10.74 17.35 9.72
C LEU A 101 9.75 16.31 10.25
N HIS A 102 9.05 15.60 9.34
CA HIS A 102 8.15 14.47 9.66
C HIS A 102 8.97 13.30 10.24
N ARG A 103 10.12 12.99 9.64
CA ARG A 103 11.02 11.88 10.06
C ARG A 103 11.55 12.15 11.48
N ARG A 104 11.97 13.40 11.74
CA ARG A 104 12.51 13.86 13.04
C ARG A 104 11.42 13.76 14.12
N ALA A 105 10.20 14.23 13.83
CA ALA A 105 9.04 14.18 14.74
C ALA A 105 8.70 12.72 15.07
N PHE A 106 8.76 11.84 14.07
CA PHE A 106 8.54 10.37 14.22
C PHE A 106 9.62 9.80 15.16
N ASP A 107 10.86 10.28 15.04
CA ASP A 107 12.01 9.86 15.87
C ASP A 107 11.81 10.35 17.31
N GLY A 108 11.06 11.44 17.48
CA GLY A 108 10.69 12.02 18.79
C GLY A 108 9.72 11.15 19.58
N LEU A 109 9.14 10.11 18.97
CA LEU A 109 8.21 9.16 19.64
C LEU A 109 9.01 8.12 20.45
N ALA A 110 10.34 8.12 20.36
CA ALA A 110 11.23 7.12 20.98
C ALA A 110 10.92 7.00 22.49
N ALA A 111 11.16 8.06 23.27
CA ALA A 111 10.98 8.07 24.75
C ALA A 111 9.58 7.56 25.08
N PRO A 112 8.49 8.23 24.62
CA PRO A 112 7.14 7.80 24.94
C PRO A 112 6.87 6.34 24.57
N PHE A 113 7.41 5.86 23.45
CA PHE A 113 7.26 4.46 23.00
C PHE A 113 7.97 3.53 24.00
N SER A 114 9.19 3.90 24.40
CA SER A 114 10.01 3.15 25.39
C SER A 114 9.24 3.09 26.72
N GLU A 115 8.78 4.24 27.22
CA GLU A 115 7.97 4.36 28.46
C GLU A 115 6.77 3.41 28.37
N PHE A 116 6.09 3.37 27.23
CA PHE A 116 4.88 2.53 27.02
C PHE A 116 5.24 1.04 27.07
N LEU A 117 6.28 0.62 26.33
CA LEU A 117 6.62 -0.82 26.16
C LEU A 117 7.07 -1.41 27.50
N GLY A 118 7.61 -0.57 28.39
CA GLY A 118 8.03 -0.96 29.75
C GLY A 118 6.91 -1.60 30.55
N THR A 119 5.71 -1.02 30.51
CA THR A 119 4.53 -1.42 31.34
C THR A 119 3.55 -2.27 30.53
N ALA A 120 3.91 -2.69 29.31
CA ALA A 120 2.97 -3.23 28.30
C ALA A 120 2.63 -4.69 28.58
N CYS A 121 3.56 -5.46 29.13
CA CYS A 121 3.43 -6.95 29.27
C CYS A 121 3.31 -7.55 27.88
N ALA A 122 4.27 -7.22 27.01
CA ALA A 122 4.29 -7.52 25.55
C ALA A 122 5.09 -8.80 25.28
N ASP A 123 4.50 -9.73 24.52
CA ASP A 123 5.15 -11.00 24.11
C ASP A 123 5.99 -10.75 22.85
N TRP A 124 5.51 -9.88 21.96
CA TRP A 124 6.18 -9.48 20.69
C TRP A 124 5.96 -8.00 20.44
N VAL A 125 6.92 -7.34 19.81
CA VAL A 125 6.75 -6.03 19.14
C VAL A 125 7.00 -6.23 17.65
N ILE A 126 6.00 -5.94 16.82
CA ILE A 126 6.10 -5.91 15.34
C ILE A 126 6.25 -4.44 14.93
N VAL A 127 7.36 -4.08 14.27
CA VAL A 127 7.68 -2.68 13.87
C VAL A 127 8.09 -2.63 12.40
N ASP A 128 8.05 -1.43 11.83
CA ASP A 128 8.48 -1.17 10.43
C ASP A 128 9.98 -0.84 10.43
N VAL A 129 10.55 -0.71 9.25
CA VAL A 129 12.02 -0.59 9.00
C VAL A 129 12.54 0.76 9.51
N PHE A 130 11.66 1.76 9.68
CA PHE A 130 12.03 3.13 10.09
C PHE A 130 12.22 3.19 11.61
N HIS A 131 11.64 2.23 12.34
CA HIS A 131 11.52 2.19 13.83
C HIS A 131 12.76 1.57 14.46
N HIS A 132 13.96 2.10 14.19
CA HIS A 132 15.21 1.63 14.85
C HIS A 132 15.05 1.79 16.37
N TRP A 133 14.47 2.91 16.80
CA TRP A 133 14.29 3.30 18.23
C TRP A 133 13.28 2.36 18.92
N ALA A 134 12.31 1.80 18.19
CA ALA A 134 11.35 0.84 18.76
C ALA A 134 12.02 -0.53 18.94
N ALA A 135 12.88 -0.94 18.01
CA ALA A 135 13.66 -2.20 18.08
C ALA A 135 14.65 -2.14 19.26
N ALA A 136 15.19 -0.95 19.52
CA ALA A 136 16.06 -0.63 20.68
C ALA A 136 15.30 -0.83 21.99
N ALA A 137 14.06 -0.33 22.08
CA ALA A 137 13.20 -0.43 23.29
C ALA A 137 12.85 -1.91 23.54
N ALA A 138 12.65 -2.67 22.46
CA ALA A 138 12.36 -4.13 22.51
C ALA A 138 13.52 -4.84 23.20
N LEU A 139 14.76 -4.49 22.83
CA LEU A 139 16.01 -5.03 23.42
C LEU A 139 16.09 -4.62 24.89
N GLU A 140 15.88 -3.33 25.19
CA GLU A 140 15.92 -2.76 26.56
C GLU A 140 14.97 -3.54 27.47
N HIS A 141 13.76 -3.86 27.00
CA HIS A 141 12.68 -4.50 27.80
C HIS A 141 12.58 -5.99 27.48
N LYS A 142 13.54 -6.55 26.72
CA LYS A 142 13.70 -8.01 26.50
C LYS A 142 12.42 -8.59 25.88
N VAL A 143 11.85 -7.87 24.91
CA VAL A 143 10.70 -8.30 24.08
C VAL A 143 11.21 -8.61 22.68
N PRO A 144 10.96 -9.83 22.14
CA PRO A 144 11.36 -10.16 20.78
C PRO A 144 10.66 -9.21 19.78
N CYS A 145 11.43 -8.71 18.81
CA CYS A 145 11.03 -7.66 17.85
C CYS A 145 11.07 -8.24 16.42
N ALA A 146 9.91 -8.28 15.77
CA ALA A 146 9.75 -8.69 14.35
C ALA A 146 9.72 -7.43 13.49
N MET A 147 10.56 -7.37 12.47
CA MET A 147 10.60 -6.24 11.51
C MET A 147 9.66 -6.59 10.35
N MET A 148 8.71 -5.70 10.07
CA MET A 148 7.75 -5.84 8.95
C MET A 148 8.44 -5.43 7.65
N LEU A 149 8.39 -6.31 6.67
CA LEU A 149 8.72 -6.02 5.25
C LEU A 149 7.58 -6.58 4.41
N LEU A 150 6.37 -6.07 4.65
CA LEU A 150 5.08 -6.64 4.15
C LEU A 150 4.96 -6.33 2.66
N GLY A 151 5.99 -6.71 1.89
CA GLY A 151 6.06 -6.64 0.42
C GLY A 151 6.14 -8.03 -0.18
N SER A 152 6.39 -8.10 -1.49
CA SER A 152 6.55 -9.36 -2.26
C SER A 152 7.85 -10.04 -1.82
N ALA A 153 7.92 -11.36 -1.94
CA ALA A 153 9.16 -12.15 -1.75
C ALA A 153 10.23 -11.60 -2.70
N HIS A 154 9.85 -11.26 -3.94
CA HIS A 154 10.76 -10.67 -4.96
C HIS A 154 11.37 -9.38 -4.42
N MET A 155 10.56 -8.51 -3.78
CA MET A 155 11.04 -7.23 -3.19
C MET A 155 12.17 -7.54 -2.19
N ILE A 156 11.96 -8.53 -1.32
CA ILE A 156 12.91 -8.90 -0.23
C ILE A 156 14.18 -9.48 -0.85
N ALA A 157 14.05 -10.39 -1.82
CA ALA A 157 15.19 -10.91 -2.63
C ALA A 157 15.99 -9.72 -3.19
N SER A 158 15.30 -8.68 -3.68
CA SER A 158 15.91 -7.48 -4.31
C SER A 158 16.69 -6.66 -3.27
N ILE A 159 16.22 -6.60 -2.02
CA ILE A 159 16.93 -5.87 -0.91
C ILE A 159 18.19 -6.67 -0.57
N ALA A 160 18.06 -7.99 -0.46
CA ALA A 160 19.10 -8.94 -0.02
C ALA A 160 20.27 -9.02 -1.03
N ASP A 161 20.07 -8.58 -2.27
CA ASP A 161 21.06 -8.74 -3.38
C ASP A 161 22.18 -7.70 -3.26
N MET A 202 20.60 10.64 9.80
CA MET A 202 20.62 9.19 9.49
C MET A 202 19.82 8.92 8.21
N SER A 203 20.40 8.15 7.28
CA SER A 203 19.77 7.74 6.00
C SER A 203 18.70 6.67 6.29
N LEU A 204 17.91 6.29 5.28
CA LEU A 204 16.88 5.22 5.38
C LEU A 204 17.57 3.84 5.37
N ALA A 205 18.69 3.70 4.65
CA ALA A 205 19.49 2.45 4.55
C ALA A 205 20.12 2.14 5.90
N GLU A 206 20.67 3.16 6.59
CA GLU A 206 21.24 3.06 7.96
C GLU A 206 20.12 2.61 8.91
N ARG A 207 18.96 3.28 8.82
CA ARG A 207 17.71 3.02 9.58
C ARG A 207 17.26 1.56 9.38
N PHE A 208 17.27 1.08 8.14
CA PHE A 208 16.88 -0.31 7.76
C PHE A 208 17.87 -1.30 8.39
N SER A 209 19.17 -1.06 8.18
CA SER A 209 20.29 -1.89 8.70
C SER A 209 20.16 -1.99 10.22
N LEU A 210 19.90 -0.86 10.87
CA LEU A 210 19.87 -0.71 12.35
C LEU A 210 18.64 -1.45 12.93
N THR A 211 17.45 -1.28 12.34
CA THR A 211 16.22 -2.00 12.77
C THR A 211 16.42 -3.51 12.55
N LEU A 212 16.98 -3.90 11.41
CA LEU A 212 17.16 -5.32 11.01
C LEU A 212 18.12 -6.04 11.97
N SER A 213 19.22 -5.37 12.35
CA SER A 213 20.26 -5.92 13.26
C SER A 213 19.65 -6.22 14.63
N ARG A 214 18.73 -5.37 15.09
CA ARG A 214 18.11 -5.44 16.43
C ARG A 214 16.84 -6.28 16.41
N SER A 215 16.57 -6.99 15.30
CA SER A 215 15.30 -7.73 15.06
C SER A 215 15.57 -9.24 15.09
N SER A 216 14.61 -10.00 15.60
CA SER A 216 14.68 -11.48 15.80
C SER A 216 14.04 -12.20 14.61
N LEU A 217 13.24 -11.48 13.82
CA LEU A 217 12.37 -12.05 12.76
C LEU A 217 12.06 -10.96 11.72
N VAL A 218 11.89 -11.36 10.46
CA VAL A 218 11.48 -10.45 9.34
C VAL A 218 10.18 -11.00 8.74
N VAL A 219 9.16 -10.15 8.57
CA VAL A 219 7.80 -10.56 8.12
C VAL A 219 7.56 -10.05 6.70
N GLY A 220 7.22 -10.98 5.79
CA GLY A 220 6.87 -10.71 4.39
C GLY A 220 5.40 -10.96 4.14
N ARG A 221 4.85 -10.34 3.09
CA ARG A 221 3.42 -10.45 2.72
C ARG A 221 3.31 -11.11 1.34
N SER A 222 3.56 -12.42 1.27
CA SER A 222 3.41 -13.25 0.05
C SER A 222 3.33 -14.72 0.45
N CYS A 223 3.42 -15.63 -0.51
CA CYS A 223 3.37 -17.08 -0.25
C CYS A 223 3.93 -17.86 -1.44
N VAL A 224 4.30 -19.11 -1.21
CA VAL A 224 4.85 -20.05 -2.23
C VAL A 224 3.84 -20.21 -3.37
N GLU A 225 2.54 -20.11 -3.07
CA GLU A 225 1.46 -20.26 -4.09
C GLU A 225 1.59 -19.12 -5.12
N PHE A 226 1.96 -17.92 -4.69
CA PHE A 226 2.04 -16.70 -5.53
C PHE A 226 3.45 -16.51 -6.10
N GLU A 227 4.49 -16.97 -5.40
CA GLU A 227 5.89 -16.80 -5.82
C GLU A 227 6.67 -18.08 -5.57
N PRO A 228 6.33 -19.21 -6.24
CA PRO A 228 7.02 -20.47 -6.02
C PRO A 228 8.52 -20.37 -6.35
N GLU A 229 8.88 -19.44 -7.24
CA GLU A 229 10.28 -19.27 -7.74
C GLU A 229 11.17 -18.66 -6.65
N THR A 230 10.63 -17.80 -5.78
CA THR A 230 11.42 -16.98 -4.82
C THR A 230 11.32 -17.54 -3.38
N VAL A 231 10.09 -17.78 -2.90
CA VAL A 231 9.79 -18.01 -1.45
C VAL A 231 10.54 -19.22 -0.91
N PRO A 232 10.55 -20.39 -1.58
CA PRO A 232 11.25 -21.57 -1.08
C PRO A 232 12.70 -21.29 -0.63
N LEU A 233 13.50 -20.63 -1.48
CA LEU A 233 14.95 -20.39 -1.24
C LEU A 233 15.20 -19.10 -0.46
N LEU A 234 14.18 -18.46 0.11
CA LEU A 234 14.30 -17.14 0.79
C LEU A 234 13.89 -17.27 2.26
N SER A 235 14.77 -17.85 3.08
CA SER A 235 14.52 -18.20 4.50
C SER A 235 15.16 -17.18 5.45
N THR A 236 16.19 -16.44 5.02
CA THR A 236 16.90 -15.44 5.88
C THR A 236 17.15 -14.15 5.11
N LEU A 237 17.25 -13.03 5.84
CA LEU A 237 17.65 -11.69 5.35
C LEU A 237 18.81 -11.19 6.23
N ARG A 238 20.04 -11.25 5.70
CA ARG A 238 21.29 -10.90 6.42
C ARG A 238 21.31 -11.63 7.76
N GLY A 239 20.97 -12.93 7.75
CA GLY A 239 21.03 -13.81 8.93
C GLY A 239 19.68 -13.99 9.59
N LYS A 240 18.87 -12.93 9.65
CA LYS A 240 17.55 -12.92 10.36
C LYS A 240 16.55 -13.76 9.57
N PRO A 241 15.85 -14.71 10.23
CA PRO A 241 14.89 -15.57 9.53
C PRO A 241 13.69 -14.76 9.02
N ILE A 242 13.23 -15.08 7.81
CA ILE A 242 12.03 -14.48 7.15
C ILE A 242 10.87 -15.46 7.33
N THR A 243 9.72 -14.96 7.75
CA THR A 243 8.42 -15.68 7.72
C THR A 243 7.46 -14.88 6.84
N PHE A 244 6.73 -15.56 5.95
CA PHE A 244 5.69 -14.96 5.08
C PHE A 244 4.31 -15.25 5.67
N LEU A 245 3.52 -14.21 5.95
CA LEU A 245 2.20 -14.37 6.63
C LEU A 245 1.09 -14.44 5.57
N GLY A 246 1.44 -14.83 4.34
CA GLY A 246 0.51 -14.89 3.20
C GLY A 246 0.34 -13.52 2.55
N LEU A 247 -0.65 -13.40 1.66
CA LEU A 247 -0.91 -12.15 0.89
C LEU A 247 -1.76 -11.20 1.73
N MET A 248 -2.50 -11.74 2.71
CA MET A 248 -3.36 -10.97 3.64
C MET A 248 -4.18 -9.99 2.82
N PRO A 249 -4.99 -10.48 1.85
CA PRO A 249 -5.86 -9.63 1.07
C PRO A 249 -6.85 -9.00 2.04
N PRO A 250 -7.25 -7.72 1.87
CA PRO A 250 -8.18 -7.07 2.78
C PRO A 250 -9.52 -7.80 2.86
N LEU A 251 -10.14 -7.82 4.04
CA LEU A 251 -11.55 -8.22 4.22
C LEU A 251 -12.41 -6.98 3.93
N HIS A 252 -13.16 -6.99 2.83
CA HIS A 252 -13.85 -5.82 2.22
C HIS A 252 -14.64 -5.06 3.30
N GLU A 253 -15.54 -5.75 4.01
CA GLU A 253 -16.27 -5.17 5.17
C GLU A 253 -15.27 -4.37 6.02
N GLY A 254 -14.12 -4.99 6.34
CA GLY A 254 -13.08 -4.49 7.26
C GLY A 254 -12.74 -3.02 7.07
N ARG A 255 -12.71 -2.53 5.83
CA ARG A 255 -12.23 -1.15 5.54
C ARG A 255 -13.35 -0.13 5.78
N ARG A 256 -14.61 -0.60 5.86
CA ARG A 256 -15.79 0.23 6.25
C ARG A 256 -15.81 1.48 5.37
N GLU A 257 -15.87 1.30 4.05
CA GLU A 257 -15.95 2.38 3.03
C GLU A 257 -17.41 2.77 2.79
N ASP A 258 -17.63 3.93 2.16
CA ASP A 258 -18.97 4.44 1.77
C ASP A 258 -19.29 3.93 0.36
N GLY A 259 -20.17 2.93 0.25
CA GLY A 259 -20.61 2.34 -1.03
C GLY A 259 -21.58 3.26 -1.78
N GLU A 260 -22.05 4.34 -1.14
CA GLU A 260 -22.93 5.39 -1.74
C GLU A 260 -22.09 6.59 -2.17
N ASP A 261 -20.76 6.48 -2.10
CA ASP A 261 -19.80 7.46 -2.66
C ASP A 261 -20.16 7.75 -4.12
N ALA A 262 -20.05 9.01 -4.53
CA ALA A 262 -20.39 9.52 -5.88
C ALA A 262 -19.66 8.69 -6.95
N THR A 263 -18.40 8.31 -6.67
CA THR A 263 -17.55 7.55 -7.62
C THR A 263 -18.19 6.20 -7.93
N VAL A 264 -18.74 5.53 -6.91
CA VAL A 264 -19.34 4.16 -7.05
C VAL A 264 -20.69 4.26 -7.78
N ARG A 265 -21.47 5.32 -7.52
CA ARG A 265 -22.77 5.53 -8.21
C ARG A 265 -22.49 5.76 -9.69
N TRP A 266 -21.44 6.53 -9.99
CA TRP A 266 -20.98 6.80 -11.38
C TRP A 266 -20.66 5.48 -12.09
N LEU A 267 -20.02 4.53 -11.40
CA LEU A 267 -19.61 3.22 -11.96
C LEU A 267 -20.86 2.38 -12.30
N ASP A 268 -21.94 2.52 -11.53
CA ASP A 268 -23.20 1.75 -11.71
C ASP A 268 -23.72 1.98 -13.13
N ALA A 269 -23.59 3.21 -13.65
CA ALA A 269 -24.11 3.67 -14.96
C ALA A 269 -23.29 3.07 -16.12
N GLN A 270 -22.03 2.69 -15.88
CA GLN A 270 -21.09 2.26 -16.95
C GLN A 270 -21.30 0.77 -17.25
N PRO A 271 -20.97 0.31 -18.49
CA PRO A 271 -21.02 -1.11 -18.82
C PRO A 271 -19.95 -1.94 -18.08
N ALA A 272 -20.16 -3.25 -18.02
CA ALA A 272 -19.28 -4.23 -17.32
C ALA A 272 -17.85 -4.14 -17.89
N LYS A 273 -16.84 -4.27 -17.03
CA LYS A 273 -15.40 -4.36 -17.39
C LYS A 273 -15.02 -3.28 -18.41
N SER A 274 -15.56 -2.06 -18.28
CA SER A 274 -15.41 -0.95 -19.27
C SER A 274 -14.56 0.21 -18.72
N VAL A 275 -14.39 0.31 -17.40
CA VAL A 275 -13.75 1.48 -16.75
C VAL A 275 -12.31 1.10 -16.37
N VAL A 276 -11.35 1.91 -16.79
CA VAL A 276 -9.95 1.89 -16.26
C VAL A 276 -9.95 2.71 -14.96
N TYR A 277 -9.79 2.06 -13.80
CA TYR A 277 -9.55 2.75 -12.51
C TYR A 277 -8.09 3.20 -12.51
N VAL A 278 -7.85 4.47 -12.19
CA VAL A 278 -6.51 5.09 -12.12
C VAL A 278 -6.31 5.58 -10.68
N ALA A 279 -5.26 5.07 -10.01
CA ALA A 279 -4.90 5.46 -8.62
C ALA A 279 -3.43 5.12 -8.38
N LEU A 280 -2.69 6.07 -7.82
CA LEU A 280 -1.28 5.92 -7.42
C LEU A 280 -1.17 5.89 -5.88
N GLY A 281 -2.06 5.14 -5.20
CA GLY A 281 -2.05 5.04 -3.74
C GLY A 281 -2.00 6.41 -3.07
N SER A 282 -1.38 6.50 -1.89
CA SER A 282 -1.67 7.54 -0.88
C SER A 282 -0.57 8.61 -0.77
N GLU A 283 0.59 8.47 -1.43
CA GLU A 283 1.73 9.38 -1.12
C GLU A 283 2.68 9.64 -2.30
N VAL A 284 2.86 8.73 -3.26
CA VAL A 284 3.90 8.89 -4.32
C VAL A 284 3.71 10.26 -4.98
N PRO A 285 4.80 11.05 -5.17
CA PRO A 285 4.69 12.33 -5.85
C PRO A 285 4.39 12.11 -7.35
N LEU A 286 3.66 13.05 -7.96
CA LEU A 286 3.49 13.19 -9.42
C LEU A 286 3.30 14.68 -9.74
N GLY A 287 4.30 15.30 -10.36
CA GLY A 287 4.31 16.74 -10.70
C GLY A 287 3.22 17.09 -11.68
N VAL A 288 2.86 18.38 -11.75
CA VAL A 288 1.79 18.91 -12.63
C VAL A 288 2.07 18.45 -14.08
N GLU A 289 3.32 18.57 -14.54
CA GLU A 289 3.76 18.16 -15.90
C GLU A 289 3.44 16.67 -16.14
N LYS A 290 3.68 15.81 -15.15
CA LYS A 290 3.48 14.35 -15.26
C LYS A 290 1.98 14.02 -15.18
N VAL A 291 1.23 14.76 -14.35
CA VAL A 291 -0.26 14.64 -14.26
C VAL A 291 -0.84 14.89 -15.66
N HIS A 292 -0.37 15.94 -16.35
CA HIS A 292 -0.83 16.34 -17.70
C HIS A 292 -0.58 15.20 -18.69
N GLU A 293 0.63 14.62 -18.69
CA GLU A 293 0.98 13.48 -19.58
C GLU A 293 0.05 12.28 -19.30
N LEU A 294 -0.27 12.03 -18.03
CA LEU A 294 -1.13 10.89 -17.63
C LEU A 294 -2.56 11.17 -18.09
N ALA A 295 -3.03 12.40 -17.86
CA ALA A 295 -4.34 12.91 -18.30
C ALA A 295 -4.52 12.71 -19.81
N LEU A 296 -3.61 13.29 -20.60
CA LEU A 296 -3.69 13.28 -22.09
C LEU A 296 -3.55 11.84 -22.60
N GLY A 297 -2.74 11.02 -21.94
CA GLY A 297 -2.65 9.57 -22.19
C GLY A 297 -3.99 8.87 -22.02
N LEU A 298 -4.72 9.16 -20.95
CA LEU A 298 -6.05 8.56 -20.65
C LEU A 298 -7.05 8.94 -21.76
N GLU A 299 -7.02 10.21 -22.18
CA GLU A 299 -7.84 10.74 -23.30
C GLU A 299 -7.50 9.96 -24.57
N LEU A 300 -6.23 9.96 -24.97
CA LEU A 300 -5.75 9.39 -26.25
C LEU A 300 -6.18 7.92 -26.39
N ALA A 301 -6.19 7.14 -25.30
CA ALA A 301 -6.53 5.69 -25.32
C ALA A 301 -8.04 5.51 -25.51
N GLY A 302 -8.83 6.52 -25.12
CA GLY A 302 -10.26 6.64 -25.46
C GLY A 302 -11.18 5.84 -24.54
N THR A 303 -10.67 5.26 -23.46
CA THR A 303 -11.47 4.42 -22.52
C THR A 303 -12.25 5.31 -21.56
N ARG A 304 -13.33 4.75 -21.01
CA ARG A 304 -13.95 5.23 -19.75
C ARG A 304 -12.91 5.08 -18.65
N PHE A 305 -12.77 6.09 -17.78
CA PHE A 305 -11.81 6.08 -16.65
C PHE A 305 -12.43 6.70 -15.40
N LEU A 306 -12.05 6.16 -14.23
CA LEU A 306 -12.21 6.78 -12.89
C LEU A 306 -10.81 7.02 -12.31
N TRP A 307 -10.47 8.29 -12.05
CA TRP A 307 -9.09 8.70 -11.68
C TRP A 307 -9.08 9.30 -10.27
N ALA A 308 -8.58 8.53 -9.30
CA ALA A 308 -8.25 9.00 -7.93
C ALA A 308 -6.90 9.70 -7.98
N LEU A 309 -6.91 11.03 -8.05
CA LEU A 309 -5.68 11.85 -8.27
C LEU A 309 -5.40 12.66 -7.01
N ARG A 310 -4.16 12.59 -6.51
CA ARG A 310 -3.67 13.49 -5.42
C ARG A 310 -3.02 14.70 -6.10
N LYS A 311 -3.36 15.91 -5.64
CA LYS A 311 -2.87 17.18 -6.24
C LYS A 311 -1.41 17.37 -5.83
N PRO A 312 -0.48 17.64 -6.78
CA PRO A 312 0.86 18.10 -6.42
C PRO A 312 0.77 19.43 -5.64
N THR A 313 1.71 19.66 -4.72
CA THR A 313 1.74 20.86 -3.83
C THR A 313 1.87 22.12 -4.70
N GLY A 314 1.14 23.19 -4.31
CA GLY A 314 1.23 24.54 -4.90
C GLY A 314 0.60 24.64 -6.27
N VAL A 315 -0.28 23.69 -6.63
CA VAL A 315 -0.96 23.63 -7.96
C VAL A 315 -2.46 23.90 -7.75
N SER A 316 -2.95 25.03 -8.27
CA SER A 316 -4.39 25.41 -8.30
C SER A 316 -5.18 24.29 -8.98
N ASP A 317 -6.47 24.18 -8.68
CA ASP A 317 -7.43 23.28 -9.39
C ASP A 317 -7.47 23.65 -10.87
N ALA A 318 -7.18 24.90 -11.21
CA ALA A 318 -7.19 25.43 -12.60
C ALA A 318 -6.01 24.88 -13.41
N ASP A 319 -4.83 24.73 -12.78
CA ASP A 319 -3.56 24.35 -13.45
C ASP A 319 -3.32 22.84 -13.38
N LEU A 320 -4.10 22.12 -12.56
CA LEU A 320 -3.86 20.70 -12.20
C LEU A 320 -3.90 19.82 -13.45
N LEU A 321 -4.96 19.95 -14.25
CA LEU A 321 -5.21 19.11 -15.45
C LEU A 321 -5.02 19.96 -16.71
N PRO A 322 -4.82 19.32 -17.89
CA PRO A 322 -4.74 20.05 -19.15
C PRO A 322 -6.00 20.88 -19.41
N ALA A 323 -5.85 22.04 -20.05
CA ALA A 323 -6.97 22.93 -20.44
C ALA A 323 -8.03 22.09 -21.16
N GLY A 324 -9.26 22.11 -20.66
CA GLY A 324 -10.45 21.51 -21.31
C GLY A 324 -10.51 19.99 -21.16
N PHE A 325 -9.57 19.39 -20.42
CA PHE A 325 -9.47 17.92 -20.24
C PHE A 325 -10.80 17.38 -19.69
N GLU A 326 -11.30 17.94 -18.60
CA GLU A 326 -12.55 17.46 -17.95
C GLU A 326 -13.73 17.74 -18.91
N GLU A 327 -13.78 18.94 -19.48
CA GLU A 327 -14.81 19.32 -20.49
C GLU A 327 -14.86 18.25 -21.59
N ARG A 328 -13.73 17.93 -22.21
CA ARG A 328 -13.65 16.98 -23.37
C ARG A 328 -14.02 15.55 -22.96
N THR A 329 -13.82 15.16 -21.69
CA THR A 329 -14.02 13.76 -21.21
C THR A 329 -15.26 13.65 -20.31
N ARG A 330 -16.10 14.70 -20.21
CA ARG A 330 -17.17 14.82 -19.19
C ARG A 330 -17.89 13.47 -18.98
N GLY A 331 -18.46 12.90 -20.05
CA GLY A 331 -19.30 11.71 -19.95
C GLY A 331 -18.52 10.42 -19.76
N ARG A 332 -17.29 10.39 -20.29
N ARG A 332 -17.29 10.39 -20.27
CA ARG A 332 -16.43 9.18 -20.44
CA ARG A 332 -16.45 9.17 -20.42
C ARG A 332 -15.64 8.94 -19.14
C ARG A 332 -15.63 8.93 -19.14
N GLY A 333 -15.07 10.00 -18.55
CA GLY A 333 -14.17 9.91 -17.40
C GLY A 333 -14.57 10.81 -16.24
N VAL A 334 -14.16 10.41 -15.02
CA VAL A 334 -14.36 11.15 -13.75
C VAL A 334 -13.00 11.27 -13.03
N VAL A 335 -12.64 12.48 -12.61
CA VAL A 335 -11.43 12.77 -11.77
C VAL A 335 -11.90 13.12 -10.36
N ALA A 336 -11.39 12.40 -9.35
CA ALA A 336 -11.64 12.66 -7.91
C ALA A 336 -10.31 13.04 -7.23
N THR A 337 -10.22 14.25 -6.68
CA THR A 337 -9.03 14.78 -5.97
C THR A 337 -9.26 14.65 -4.46
N ARG A 338 -9.81 13.50 -4.03
CA ARG A 338 -10.08 13.17 -2.61
C ARG A 338 -9.86 11.67 -2.41
N TRP A 339 -9.85 11.24 -1.15
CA TRP A 339 -9.81 9.81 -0.76
C TRP A 339 -11.08 9.12 -1.29
N VAL A 340 -10.89 8.08 -2.09
CA VAL A 340 -11.97 7.28 -2.75
C VAL A 340 -12.03 5.92 -2.06
N PRO A 341 -13.18 5.23 -2.10
CA PRO A 341 -13.28 3.87 -1.57
C PRO A 341 -12.72 2.85 -2.57
N GLN A 342 -11.39 2.66 -2.56
CA GLN A 342 -10.67 1.89 -3.59
C GLN A 342 -11.21 0.45 -3.65
N MET A 343 -11.47 -0.15 -2.48
CA MET A 343 -11.95 -1.55 -2.38
C MET A 343 -13.30 -1.68 -3.11
N SER A 344 -14.18 -0.72 -2.94
CA SER A 344 -15.56 -0.72 -3.51
C SER A 344 -15.46 -0.58 -5.03
N ILE A 345 -14.60 0.33 -5.48
CA ILE A 345 -14.31 0.60 -6.92
C ILE A 345 -13.81 -0.69 -7.57
N LEU A 346 -12.78 -1.32 -7.02
CA LEU A 346 -12.14 -2.51 -7.62
C LEU A 346 -13.10 -3.71 -7.58
N ALA A 347 -14.01 -3.74 -6.62
CA ALA A 347 -15.05 -4.79 -6.48
C ALA A 347 -16.08 -4.64 -7.59
N HIS A 348 -16.28 -3.42 -8.10
CA HIS A 348 -17.37 -3.05 -9.04
C HIS A 348 -17.17 -3.75 -10.38
N ALA A 349 -18.26 -4.27 -10.98
CA ALA A 349 -18.27 -5.05 -12.23
C ALA A 349 -17.94 -4.15 -13.43
N ALA A 350 -18.00 -2.82 -13.26
CA ALA A 350 -17.77 -1.80 -14.31
C ALA A 350 -16.28 -1.59 -14.55
N VAL A 351 -15.43 -1.94 -13.59
CA VAL A 351 -13.95 -1.73 -13.67
C VAL A 351 -13.31 -2.95 -14.35
N GLY A 352 -12.53 -2.70 -15.41
CA GLY A 352 -11.84 -3.72 -16.19
C GLY A 352 -10.37 -3.81 -15.82
N ALA A 353 -9.56 -2.85 -16.27
CA ALA A 353 -8.11 -2.74 -15.99
C ALA A 353 -7.88 -1.68 -14.91
N PHE A 354 -6.72 -1.73 -14.26
CA PHE A 354 -6.33 -0.83 -13.14
C PHE A 354 -4.94 -0.26 -13.45
N LEU A 355 -4.87 1.04 -13.73
CA LEU A 355 -3.60 1.78 -13.87
C LEU A 355 -3.13 2.12 -12.45
N THR A 356 -2.11 1.41 -11.98
CA THR A 356 -1.62 1.41 -10.58
C THR A 356 -0.16 1.87 -10.53
N HIS A 357 0.25 2.41 -9.38
CA HIS A 357 1.68 2.76 -9.09
C HIS A 357 2.40 1.50 -8.58
N CYS A 358 1.65 0.42 -8.36
CA CYS A 358 2.17 -0.93 -7.99
C CYS A 358 2.64 -0.96 -6.53
N GLY A 359 2.15 -0.04 -5.69
CA GLY A 359 2.11 -0.27 -4.23
C GLY A 359 1.59 -1.67 -3.96
N TRP A 360 2.15 -2.37 -2.98
CA TRP A 360 1.85 -3.81 -2.79
C TRP A 360 0.38 -4.00 -2.38
N ASN A 361 -0.18 -3.09 -1.56
CA ASN A 361 -1.63 -3.10 -1.19
C ASN A 361 -2.46 -3.04 -2.46
N SER A 362 -2.22 -2.02 -3.30
CA SER A 362 -2.96 -1.79 -4.56
C SER A 362 -2.78 -2.97 -5.52
N THR A 363 -1.58 -3.53 -5.63
CA THR A 363 -1.31 -4.73 -6.49
C THR A 363 -2.22 -5.88 -6.04
N ILE A 364 -2.28 -6.15 -4.73
CA ILE A 364 -3.05 -7.27 -4.11
C ILE A 364 -4.56 -6.99 -4.25
N GLU A 365 -4.99 -5.76 -3.98
CA GLU A 365 -6.42 -5.36 -4.09
C GLU A 365 -6.88 -5.52 -5.55
N GLY A 366 -6.09 -5.00 -6.50
CA GLY A 366 -6.34 -5.12 -7.95
C GLY A 366 -6.55 -6.57 -8.37
N LEU A 367 -5.69 -7.48 -7.92
CA LEU A 367 -5.60 -8.87 -8.43
C LEU A 367 -6.62 -9.77 -7.75
N MET A 368 -7.06 -9.41 -6.53
CA MET A 368 -8.04 -10.22 -5.75
C MET A 368 -9.42 -10.08 -6.40
N PHE A 369 -9.62 -9.06 -7.23
CA PHE A 369 -10.85 -8.84 -8.03
C PHE A 369 -10.57 -9.06 -9.53
N GLY A 370 -9.48 -9.76 -9.85
CA GLY A 370 -9.16 -10.28 -11.20
C GLY A 370 -8.88 -9.20 -12.23
N HIS A 371 -8.40 -8.02 -11.82
CA HIS A 371 -8.10 -6.87 -12.73
C HIS A 371 -6.69 -6.97 -13.28
N PRO A 372 -6.49 -6.94 -14.62
CA PRO A 372 -5.16 -6.78 -15.21
C PRO A 372 -4.67 -5.35 -14.93
N LEU A 373 -3.35 -5.18 -14.87
CA LEU A 373 -2.72 -3.95 -14.32
C LEU A 373 -1.97 -3.20 -15.40
N ILE A 374 -2.08 -1.88 -15.38
CA ILE A 374 -1.29 -0.93 -16.20
C ILE A 374 -0.38 -0.20 -15.21
N MET A 375 0.91 -0.50 -15.24
CA MET A 375 1.82 -0.26 -14.09
C MET A 375 2.70 0.94 -14.37
N LEU A 376 2.71 1.87 -13.42
CA LEU A 376 3.46 3.16 -13.46
C LEU A 376 4.15 3.33 -12.11
N PRO A 377 5.16 2.48 -11.82
CA PRO A 377 5.87 2.59 -10.53
C PRO A 377 6.63 3.92 -10.47
N ILE A 378 6.69 4.52 -9.28
CA ILE A 378 7.33 5.85 -9.03
C ILE A 378 8.60 5.64 -8.20
N PHE A 379 8.53 4.97 -7.04
CA PHE A 379 9.72 4.70 -6.19
C PHE A 379 9.57 3.41 -5.38
N GLY A 380 10.67 3.03 -4.71
CA GLY A 380 10.72 1.94 -3.69
C GLY A 380 10.31 0.60 -4.26
N ASP A 381 9.45 -0.11 -3.53
CA ASP A 381 9.00 -1.51 -3.83
C ASP A 381 8.26 -1.56 -5.18
N GLN A 382 7.82 -0.41 -5.70
CA GLN A 382 6.85 -0.37 -6.83
C GLN A 382 7.49 -1.05 -8.04
N GLY A 383 8.71 -0.61 -8.41
CA GLY A 383 9.48 -1.16 -9.54
C GLY A 383 9.51 -2.68 -9.52
N PRO A 384 10.09 -3.31 -8.48
CA PRO A 384 10.11 -4.78 -8.38
C PRO A 384 8.72 -5.41 -8.41
N ASN A 385 7.71 -4.75 -7.83
CA ASN A 385 6.32 -5.26 -7.81
C ASN A 385 5.79 -5.28 -9.25
N ALA A 386 6.04 -4.21 -10.01
CA ALA A 386 5.69 -4.10 -11.44
C ALA A 386 6.31 -5.25 -12.24
N ARG A 387 7.61 -5.50 -12.08
CA ARG A 387 8.38 -6.56 -12.78
C ARG A 387 7.74 -7.94 -12.52
N LEU A 388 7.35 -8.20 -11.27
CA LEU A 388 6.82 -9.50 -10.82
C LEU A 388 5.50 -9.80 -11.54
N ILE A 389 4.61 -8.80 -11.61
CA ILE A 389 3.27 -8.93 -12.26
C ILE A 389 3.48 -9.04 -13.78
N GLU A 390 4.38 -8.23 -14.33
CA GLU A 390 4.78 -8.26 -15.77
C GLU A 390 5.33 -9.66 -16.09
N ALA A 391 6.11 -10.23 -15.18
CA ALA A 391 6.68 -11.59 -15.31
C ALA A 391 5.55 -12.63 -15.34
N LYS A 392 4.41 -12.33 -14.72
CA LYS A 392 3.24 -13.26 -14.62
C LYS A 392 2.23 -12.98 -15.72
N ASN A 393 2.47 -11.99 -16.58
CA ASN A 393 1.68 -11.71 -17.80
C ASN A 393 0.26 -11.26 -17.43
N ALA A 394 0.08 -10.66 -16.25
CA ALA A 394 -1.21 -10.13 -15.75
C ALA A 394 -1.14 -8.60 -15.74
N GLY A 395 -0.11 -8.01 -16.36
CA GLY A 395 0.08 -6.56 -16.43
C GLY A 395 1.16 -6.14 -17.42
N LEU A 396 1.21 -4.86 -17.73
CA LEU A 396 2.17 -4.23 -18.67
C LEU A 396 2.64 -2.92 -18.05
N GLN A 397 3.94 -2.67 -18.03
CA GLN A 397 4.51 -1.38 -17.56
C GLN A 397 4.38 -0.35 -18.66
N VAL A 398 4.12 0.90 -18.26
CA VAL A 398 4.21 2.10 -19.13
C VAL A 398 5.69 2.30 -19.49
N ALA A 399 6.03 2.40 -20.77
CA ALA A 399 7.41 2.65 -21.25
C ALA A 399 7.96 3.87 -20.50
N ARG A 400 9.24 3.82 -20.11
CA ARG A 400 9.91 4.87 -19.32
C ARG A 400 11.23 5.23 -20.01
N ASN A 401 11.46 6.53 -20.25
CA ASN A 401 12.75 7.04 -20.78
C ASN A 401 13.84 6.67 -19.79
N ASP A 402 14.87 5.96 -20.28
CA ASP A 402 16.00 5.45 -19.47
C ASP A 402 16.84 6.66 -19.04
N GLY A 403 17.36 6.65 -17.80
CA GLY A 403 18.17 7.73 -17.22
C GLY A 403 17.38 8.57 -16.22
N ASP A 404 16.20 9.03 -16.62
CA ASP A 404 15.35 9.99 -15.84
C ASP A 404 14.07 9.31 -15.33
N GLY A 405 13.68 8.17 -15.91
CA GLY A 405 12.47 7.41 -15.51
C GLY A 405 11.18 8.15 -15.83
N SER A 406 11.24 9.10 -16.76
CA SER A 406 10.08 9.91 -17.19
C SER A 406 9.20 9.08 -18.12
N PHE A 407 8.00 9.57 -18.40
CA PHE A 407 7.01 8.95 -19.33
C PHE A 407 6.30 10.08 -20.08
N ASP A 408 5.55 9.71 -21.12
CA ASP A 408 4.75 10.66 -21.93
C ASP A 408 3.37 10.06 -22.17
N ARG A 409 2.46 10.86 -22.74
CA ARG A 409 1.05 10.48 -23.04
C ARG A 409 1.01 9.27 -23.99
N GLU A 410 2.01 9.15 -24.89
CA GLU A 410 2.05 8.10 -25.95
C GLU A 410 2.30 6.73 -25.31
N GLY A 411 3.31 6.64 -24.42
CA GLY A 411 3.61 5.42 -23.64
C GLY A 411 2.43 5.01 -22.78
N VAL A 412 1.85 5.98 -22.06
CA VAL A 412 0.62 5.81 -21.24
C VAL A 412 -0.49 5.20 -22.12
N ALA A 413 -0.72 5.78 -23.29
CA ALA A 413 -1.84 5.41 -24.20
C ALA A 413 -1.63 3.98 -24.73
N ALA A 414 -0.40 3.65 -25.14
CA ALA A 414 -0.03 2.33 -25.72
C ALA A 414 -0.23 1.24 -24.66
N ALA A 415 0.15 1.51 -23.41
CA ALA A 415 -0.05 0.59 -22.28
C ALA A 415 -1.54 0.30 -22.10
N ILE A 416 -2.37 1.35 -22.03
CA ILE A 416 -3.85 1.24 -21.81
C ILE A 416 -4.44 0.43 -22.98
N ARG A 417 -4.12 0.79 -24.22
CA ARG A 417 -4.62 0.08 -25.44
C ARG A 417 -4.31 -1.41 -25.33
N ALA A 418 -3.05 -1.76 -25.03
CA ALA A 418 -2.57 -3.16 -25.04
C ALA A 418 -3.33 -3.97 -23.97
N VAL A 419 -3.54 -3.39 -22.79
CA VAL A 419 -4.16 -4.08 -21.61
C VAL A 419 -5.69 -4.07 -21.74
N ALA A 420 -6.29 -2.95 -22.18
CA ALA A 420 -7.74 -2.65 -22.00
C ALA A 420 -8.53 -2.61 -23.32
N VAL A 421 -7.90 -2.28 -24.45
CA VAL A 421 -8.59 -1.96 -25.74
C VAL A 421 -8.43 -3.09 -26.77
N GLU A 422 -7.21 -3.32 -27.25
CA GLU A 422 -6.92 -4.28 -28.35
C GLU A 422 -7.42 -5.67 -27.93
N GLU A 423 -8.30 -6.27 -28.75
CA GLU A 423 -9.08 -7.49 -28.41
C GLU A 423 -8.17 -8.61 -27.91
N GLU A 424 -7.09 -8.92 -28.65
CA GLU A 424 -6.25 -10.12 -28.43
C GLU A 424 -5.38 -9.95 -27.18
N SER A 425 -4.65 -8.84 -27.08
CA SER A 425 -3.72 -8.54 -25.95
C SER A 425 -4.52 -8.41 -24.65
N SER A 426 -5.65 -7.69 -24.67
CA SER A 426 -6.50 -7.42 -23.49
C SER A 426 -7.06 -8.74 -22.92
N LYS A 427 -7.54 -9.65 -23.78
CA LYS A 427 -8.15 -10.93 -23.33
C LYS A 427 -7.08 -11.82 -22.68
N VAL A 428 -5.84 -11.76 -23.15
CA VAL A 428 -4.68 -12.48 -22.53
C VAL A 428 -4.49 -11.95 -21.11
N PHE A 429 -4.33 -10.62 -20.95
CA PHE A 429 -4.11 -9.94 -19.65
C PHE A 429 -5.27 -10.26 -18.68
N GLN A 430 -6.52 -10.21 -19.14
CA GLN A 430 -7.72 -10.51 -18.30
C GLN A 430 -7.64 -11.97 -17.83
N ALA A 431 -7.44 -12.92 -18.75
CA ALA A 431 -7.40 -14.37 -18.46
C ALA A 431 -6.30 -14.69 -17.45
N LYS A 432 -5.20 -13.92 -17.47
CA LYS A 432 -4.02 -14.13 -16.57
C LYS A 432 -4.28 -13.48 -15.21
N ALA A 433 -4.90 -12.30 -15.19
CA ALA A 433 -5.33 -11.61 -13.94
C ALA A 433 -6.28 -12.55 -13.18
N LYS A 434 -7.22 -13.18 -13.90
CA LYS A 434 -8.22 -14.14 -13.34
C LYS A 434 -7.49 -15.34 -12.74
N LYS A 435 -6.43 -15.83 -13.39
CA LYS A 435 -5.68 -17.01 -12.91
C LYS A 435 -5.00 -16.63 -11.58
N LEU A 436 -4.44 -15.43 -11.48
CA LEU A 436 -3.82 -14.89 -10.23
C LEU A 436 -4.90 -14.70 -9.16
N GLN A 437 -6.10 -14.24 -9.55
CA GLN A 437 -7.25 -14.01 -8.64
C GLN A 437 -7.54 -15.30 -7.87
N GLU A 438 -7.40 -16.47 -8.50
CA GLU A 438 -7.66 -17.80 -7.89
C GLU A 438 -6.78 -17.98 -6.64
N ILE A 439 -5.58 -17.41 -6.66
CA ILE A 439 -4.58 -17.47 -5.54
C ILE A 439 -4.83 -16.31 -4.58
N VAL A 440 -4.91 -15.08 -5.09
CA VAL A 440 -4.93 -13.83 -4.27
C VAL A 440 -6.24 -13.76 -3.45
N ALA A 441 -7.34 -14.31 -3.96
CA ALA A 441 -8.69 -14.19 -3.36
C ALA A 441 -9.08 -15.48 -2.61
N ASP A 442 -8.20 -16.48 -2.58
CA ASP A 442 -8.37 -17.71 -1.78
C ASP A 442 -8.20 -17.33 -0.29
N MET A 443 -9.26 -16.76 0.31
CA MET A 443 -9.22 -16.12 1.65
C MET A 443 -8.81 -17.16 2.70
N ALA A 444 -9.31 -18.40 2.58
CA ALA A 444 -9.04 -19.53 3.50
C ALA A 444 -7.53 -19.75 3.60
N CYS A 445 -6.87 -19.87 2.44
CA CYS A 445 -5.40 -20.04 2.28
C CYS A 445 -4.66 -18.98 3.11
N HIS A 446 -5.04 -17.71 2.95
CA HIS A 446 -4.34 -16.54 3.53
C HIS A 446 -4.61 -16.45 5.04
N GLU A 447 -5.73 -17.01 5.51
CA GLU A 447 -6.05 -17.13 6.96
C GLU A 447 -5.14 -18.20 7.58
N ARG A 448 -4.96 -19.34 6.89
CA ARG A 448 -4.05 -20.43 7.31
C ARG A 448 -2.61 -19.89 7.46
N TYR A 449 -2.24 -18.89 6.67
CA TYR A 449 -0.89 -18.26 6.71
C TYR A 449 -0.80 -17.35 7.94
N ILE A 450 -1.90 -16.70 8.31
CA ILE A 450 -2.00 -15.88 9.56
C ILE A 450 -1.88 -16.84 10.76
N ASP A 451 -2.57 -17.99 10.71
CA ASP A 451 -2.46 -19.05 11.76
C ASP A 451 -0.99 -19.51 11.86
N GLY A 452 -0.34 -19.75 10.72
CA GLY A 452 1.08 -20.13 10.63
C GLY A 452 1.96 -19.09 11.29
N PHE A 453 1.74 -17.80 10.98
CA PHE A 453 2.54 -16.66 11.49
C PHE A 453 2.45 -16.59 13.02
N ILE A 454 1.27 -16.85 13.59
CA ILE A 454 1.03 -16.83 15.07
C ILE A 454 1.88 -17.95 15.70
N GLN A 455 1.83 -19.15 15.13
CA GLN A 455 2.59 -20.33 15.62
C GLN A 455 4.09 -20.03 15.60
N GLN A 456 4.58 -19.33 14.57
CA GLN A 456 5.98 -18.84 14.48
C GLN A 456 6.28 -17.94 15.69
N LEU A 457 5.35 -17.05 16.06
CA LEU A 457 5.55 -16.08 17.17
C LEU A 457 5.65 -16.84 18.51
N ARG A 458 4.88 -17.91 18.69
CA ARG A 458 4.89 -18.75 19.92
C ARG A 458 6.28 -19.37 20.14
N SER A 459 6.94 -19.83 19.06
CA SER A 459 8.35 -20.29 19.05
C SER A 459 9.29 -19.12 18.72
N1 UDP B . -6.27 3.97 -0.91
C2 UDP B . -7.66 4.18 -0.97
N3 UDP B . -8.15 5.28 -1.58
C4 UDP B . -7.32 6.19 -2.13
C5 UDP B . -5.95 6.00 -2.07
C6 UDP B . -5.44 4.88 -1.44
O2 UDP B . -8.45 3.35 -0.48
O4 UDP B . -7.78 7.20 -2.69
C1' UDP B . -5.74 2.78 -0.21
C2' UDP B . -5.52 1.58 -1.11
O2' UDP B . -6.68 0.75 -1.20
C3' UDP B . -4.35 0.87 -0.44
C4' UDP B . -3.59 1.95 0.29
O4' UDP B . -4.47 3.08 0.39
O3' UDP B . -4.84 -0.11 0.49
C5' UDP B . -2.33 2.37 -0.46
O5' UDP B . -1.33 1.37 -0.33
PA UDP B . -0.29 1.02 -1.51
O1A UDP B . 0.83 0.18 -0.95
O2A UDP B . -1.07 0.45 -2.66
O3A UDP B . 0.27 2.48 -1.92
PB UDP B . 1.03 3.51 -0.95
O1B UDP B . 1.58 2.66 0.17
O2B UDP B . 2.09 4.14 -1.81
O3B UDP B . -0.02 4.50 -0.52
OCG JDO C . 15.00 2.87 -3.94
CCF JDO C . 15.07 3.57 -2.70
CCL JDO C . 14.29 4.88 -2.76
OCM JDO C . 12.92 4.62 -3.02
CCJ JDO C . 14.45 5.64 -1.44
OCK JDO C . 13.81 6.91 -1.52
CCI JDO C . 15.94 5.85 -1.15
CCN JDO C . 16.20 6.53 0.17
OCO JDO C . 17.61 6.63 0.43
OCH JDO C . 16.58 4.57 -1.10
CCE JDO C . 16.53 3.84 -2.32
OBV JDO C . 17.22 2.63 -2.20
CBU JDO C . 18.56 2.70 -1.71
CCA JDO C . 19.52 2.38 -2.85
OCB JDO C . 19.43 3.42 -3.84
CCP JDO C . 19.09 3.02 -5.14
OCS JDO C . 20.15 2.24 -5.69
CCT JDO C . 19.90 1.76 -7.04
CCY JDO C . 21.09 0.94 -7.44
OCZ JDO C . 21.18 -0.26 -6.68
CCU JDO C . 19.66 2.96 -7.97
OCV JDO C . 19.32 2.47 -9.27
CCW JDO C . 18.52 3.81 -7.42
OCX JDO C . 18.32 4.96 -8.24
CCQ JDO C . 18.84 4.25 -6.00
OCR JDO C . 17.79 5.02 -5.43
CBY JDO C . 20.95 2.30 -2.36
OBZ JDO C . 21.80 1.86 -3.42
CBX JDO C . 21.05 1.31 -1.20
CCC JDO C . 22.42 1.31 -0.56
OCD JDO C . 22.70 2.55 0.11
OBW JDO C . 20.12 1.68 -0.16
CBT JDO C . 18.76 1.70 -0.57
OAJ JDO C . 17.95 2.09 0.51
CAI JDO C . 16.97 1.23 1.04
CAG JDO C . 17.44 -0.21 1.26
CAF JDO C . 16.26 -1.13 1.00
CAH JDO C . 18.66 -0.57 1.62
CAE JDO C . 15.76 1.02 0.10
CAK JDO C . 16.44 1.82 2.36
CAL JDO C . 15.42 0.90 3.04
CAM JDO C . 14.40 0.20 2.12
CAD JDO C . 15.05 -0.17 0.77
CAC JDO C . 14.03 -0.81 -0.17
CAB JDO C . 12.75 -0.01 -0.30
CAA JDO C . 12.09 0.08 1.08
CAN JDO C . 12.97 0.88 2.09
CAO JDO C . 13.03 2.38 1.79
CAP JDO C . 12.34 0.69 3.49
CAQ JDO C . 10.85 0.99 3.55
CAR JDO C . 10.08 0.16 2.55
CAS JDO C . 10.56 0.40 1.10
CAT JDO C . 9.79 -0.57 0.19
CAU JDO C . 10.18 1.81 0.65
OAV JDO C . 10.58 2.33 -0.36
O1 JDO C . 9.35 2.40 1.52
C1 JDO C . 8.86 3.71 1.28
O5 JDO C . 9.78 4.68 1.77
C5 JDO C . 9.30 6.03 1.62
C6 JDO C . 10.45 6.96 1.97
O6 JDO C . 11.48 6.93 0.96
C4 JDO C . 8.09 6.21 2.51
O4 JDO C . 7.60 7.55 2.45
C3 JDO C . 7.01 5.24 2.06
O3 JDO C . 5.89 5.30 2.94
C2 JDO C . 7.53 3.81 2.02
O2 JDO C . 6.56 2.99 1.33
CBI JDO C . 5.58 2.32 2.07
OBJ JDO C . 6.17 1.52 3.09
CBK JDO C . 5.20 0.80 3.90
CBL JDO C . 6.00 0.05 4.95
OBM JDO C . 6.88 0.92 5.67
CBN JDO C . 4.36 -0.11 3.01
OBO JDO C . 3.36 -0.75 3.79
CBP JDO C . 3.72 0.68 1.88
OBQ JDO C . 3.00 -0.18 1.01
CBR JDO C . 4.79 1.44 1.11
OBS JDO C . 4.25 2.23 0.05
#